data_1EAE
#
_entry.id   1EAE
#
_cell.length_a   225.540
_cell.length_b   225.540
_cell.length_c   225.540
_cell.angle_alpha   90.00
_cell.angle_beta   90.00
_cell.angle_gamma   90.00
#
_symmetry.space_group_name_H-M   'F 4 3 2'
#
loop_
_entity.id
_entity.type
_entity.pdbx_description
1 polymer DIHYDROLIPOYL-TRANSACETYLASE
2 non-polymer '6,8-DIMERCAPTO-OCTANOIC ACID AMIDE'
3 water water
#
_entity_poly.entity_id   1
_entity_poly.type   'polypeptide(L)'
_entity_poly.pdbx_seq_one_letter_code
;IPPIPPVDFAKYGEIEEVPMTRLMQIGATNLHRSWLNVPHVTQFESADITELEAFRVAQKAVAKKAGVKLTVLPLLLKAC
AYLLKELPDFNSSLAPSGQALIRKKYVHIGFAVDTPDGLLVPVIRNVDQKSLLQLAAEAAELAEKARSKKLGADAMQGAC
FTISSLGHIGGTAFTPIVNAPEVAILGVSKASMQPVWDGKAFQPRLMLPLSLSYDHRVINGAAAARFTKRLGDLLADIRA
ILL
;
_entity_poly.pdbx_strand_id   A
#
loop_
_chem_comp.id
_chem_comp.type
_chem_comp.name
_chem_comp.formula
LPM non-polymer '6,8-DIMERCAPTO-OCTANOIC ACID AMIDE' 'C8 H17 N O S2'
#
# COMPACT_ATOMS: atom_id res chain seq x y z
N ILE A 1 -29.25 6.42 1.30
CA ILE A 1 -28.95 5.56 0.16
C ILE A 1 -29.98 4.45 0.34
N PRO A 2 -30.66 3.96 -0.69
CA PRO A 2 -31.72 2.96 -0.57
C PRO A 2 -31.08 1.71 -0.01
N PRO A 3 -31.73 0.89 0.78
CA PRO A 3 -31.17 -0.38 1.19
C PRO A 3 -31.50 -1.46 0.18
N ILE A 4 -30.77 -2.52 0.48
CA ILE A 4 -30.94 -3.74 -0.25
C ILE A 4 -32.08 -4.44 0.48
N PRO A 5 -33.15 -4.84 -0.22
CA PRO A 5 -34.15 -5.80 0.25
C PRO A 5 -33.64 -7.09 0.93
N PRO A 6 -34.18 -7.56 2.08
CA PRO A 6 -33.80 -8.86 2.68
C PRO A 6 -34.32 -9.98 1.84
N VAL A 7 -33.62 -11.10 1.81
CA VAL A 7 -34.09 -12.21 1.01
C VAL A 7 -34.21 -13.38 1.97
N ASP A 8 -35.24 -14.24 1.90
CA ASP A 8 -35.27 -15.37 2.82
C ASP A 8 -34.33 -16.35 2.09
N PHE A 9 -33.05 -16.40 2.45
CA PHE A 9 -32.10 -17.20 1.70
C PHE A 9 -32.32 -18.68 1.79
N ALA A 10 -32.95 -19.05 2.89
CA ALA A 10 -33.26 -20.41 3.15
C ALA A 10 -34.34 -20.89 2.23
N LYS A 11 -35.00 -20.11 1.38
CA LYS A 11 -35.95 -20.67 0.44
C LYS A 11 -35.23 -21.51 -0.61
N TYR A 12 -33.96 -21.21 -0.87
CA TYR A 12 -33.20 -21.82 -1.95
C TYR A 12 -32.38 -23.00 -1.52
N GLY A 13 -32.18 -23.22 -0.23
CA GLY A 13 -31.35 -24.29 0.29
C GLY A 13 -31.00 -24.05 1.74
N GLU A 14 -30.05 -24.78 2.30
CA GLU A 14 -29.67 -24.76 3.69
C GLU A 14 -28.79 -23.59 3.93
N ILE A 15 -28.94 -22.83 4.98
CA ILE A 15 -28.06 -21.72 5.24
C ILE A 15 -27.62 -21.94 6.67
N GLU A 16 -26.62 -21.17 7.03
CA GLU A 16 -26.00 -21.21 8.33
C GLU A 16 -25.56 -19.79 8.64
N GLU A 17 -25.68 -19.27 9.86
CA GLU A 17 -25.25 -17.91 10.19
C GLU A 17 -24.02 -17.94 11.04
N VAL A 18 -22.98 -17.27 10.58
CA VAL A 18 -21.76 -17.19 11.32
C VAL A 18 -21.70 -15.69 11.52
N PRO A 19 -21.12 -15.20 12.58
CA PRO A 19 -21.12 -13.78 12.87
C PRO A 19 -19.77 -13.13 12.70
N MET A 20 -19.83 -11.81 12.57
CA MET A 20 -18.63 -11.03 12.33
C MET A 20 -17.94 -10.56 13.60
N THR A 21 -16.60 -10.58 13.62
CA THR A 21 -15.84 -10.10 14.76
C THR A 21 -16.07 -8.60 14.84
N ARG A 22 -15.90 -7.90 15.95
CA ARG A 22 -16.09 -6.46 15.91
C ARG A 22 -15.08 -5.77 15.01
N LEU A 23 -13.90 -6.41 14.84
CA LEU A 23 -12.86 -5.94 13.95
C LEU A 23 -13.41 -5.91 12.53
N MET A 24 -14.08 -6.96 12.04
CA MET A 24 -14.73 -6.95 10.74
C MET A 24 -15.75 -5.84 10.63
N GLN A 25 -16.48 -5.63 11.70
CA GLN A 25 -17.54 -4.66 11.71
C GLN A 25 -17.04 -3.27 11.60
N ILE A 26 -15.95 -3.03 12.28
CA ILE A 26 -15.29 -1.76 12.21
C ILE A 26 -14.84 -1.60 10.76
N GLY A 27 -14.04 -2.56 10.28
CA GLY A 27 -13.47 -2.52 8.96
C GLY A 27 -14.54 -2.25 7.93
N ALA A 28 -15.68 -2.93 8.06
CA ALA A 28 -16.77 -2.79 7.13
C ALA A 28 -17.26 -1.38 7.15
N THR A 29 -17.41 -0.78 8.32
CA THR A 29 -17.93 0.57 8.42
C THR A 29 -17.01 1.63 7.87
N ASN A 30 -15.71 1.42 8.03
CA ASN A 30 -14.80 2.43 7.56
C ASN A 30 -14.63 2.43 6.09
N LEU A 31 -14.76 1.23 5.50
CA LEU A 31 -14.63 1.10 4.05
C LEU A 31 -15.77 1.74 3.32
N HIS A 32 -16.96 1.51 3.85
CA HIS A 32 -18.12 2.07 3.24
C HIS A 32 -18.11 3.58 3.42
N ARG A 33 -17.65 4.06 4.56
CA ARG A 33 -17.53 5.50 4.76
C ARG A 33 -16.55 6.13 3.72
N SER A 34 -15.42 5.48 3.41
CA SER A 34 -14.50 5.90 2.37
C SER A 34 -15.09 5.83 1.03
N TRP A 35 -15.79 4.75 0.71
CA TRP A 35 -16.33 4.52 -0.61
C TRP A 35 -17.27 5.65 -1.00
N LEU A 36 -18.12 6.10 -0.06
CA LEU A 36 -19.09 7.14 -0.33
C LEU A 36 -18.44 8.49 -0.20
N ASN A 37 -17.37 8.73 0.54
CA ASN A 37 -16.80 10.07 0.55
C ASN A 37 -15.78 10.41 -0.51
N VAL A 38 -15.02 9.44 -0.98
CA VAL A 38 -13.94 9.64 -1.89
C VAL A 38 -14.31 9.26 -3.33
N PRO A 39 -14.43 10.13 -4.32
CA PRO A 39 -14.43 9.75 -5.72
C PRO A 39 -13.07 9.17 -6.16
N HIS A 40 -13.06 7.82 -6.31
CA HIS A 40 -11.87 6.96 -6.54
C HIS A 40 -11.42 6.75 -7.95
N VAL A 41 -10.15 6.89 -8.25
CA VAL A 41 -9.63 6.56 -9.57
C VAL A 41 -8.43 5.68 -9.31
N THR A 42 -8.12 4.72 -10.16
CA THR A 42 -6.96 3.89 -9.98
C THR A 42 -6.09 4.07 -11.21
N GLN A 43 -4.79 4.29 -10.96
CA GLN A 43 -3.80 4.44 -11.96
C GLN A 43 -2.95 3.20 -11.97
N PHE A 44 -2.69 2.57 -13.09
CA PHE A 44 -1.95 1.35 -13.11
C PHE A 44 -0.60 1.63 -13.72
N GLU A 45 0.48 0.95 -13.40
CA GLU A 45 1.82 1.15 -13.93
C GLU A 45 2.61 -0.16 -13.69
N SER A 46 3.71 -0.51 -14.39
CA SER A 46 4.52 -1.66 -14.03
C SER A 46 5.95 -1.20 -13.82
N ALA A 47 6.62 -1.66 -12.77
CA ALA A 47 8.00 -1.25 -12.63
C ALA A 47 8.90 -2.42 -12.85
N ASP A 48 10.04 -2.09 -13.43
CA ASP A 48 11.07 -3.05 -13.74
C ASP A 48 11.85 -3.28 -12.49
N ILE A 49 11.63 -4.34 -11.79
CA ILE A 49 12.41 -4.51 -10.62
C ILE A 49 13.54 -5.52 -10.88
N THR A 50 13.93 -5.93 -12.09
CA THR A 50 15.02 -6.90 -12.27
C THR A 50 16.27 -6.59 -11.48
N GLU A 51 16.82 -5.39 -11.48
CA GLU A 51 17.97 -5.11 -10.65
C GLU A 51 17.69 -5.04 -9.16
N LEU A 52 16.50 -4.55 -8.74
CA LEU A 52 16.15 -4.42 -7.33
C LEU A 52 16.11 -5.81 -6.73
N GLU A 53 15.66 -6.76 -7.53
CA GLU A 53 15.56 -8.11 -7.08
C GLU A 53 16.87 -8.78 -6.81
N ALA A 54 17.73 -8.67 -7.81
CA ALA A 54 19.07 -9.14 -7.72
C ALA A 54 19.74 -8.47 -6.52
N PHE A 55 19.55 -7.18 -6.21
CA PHE A 55 20.12 -6.60 -5.02
C PHE A 55 19.56 -7.26 -3.77
N ARG A 56 18.23 -7.43 -3.68
CA ARG A 56 17.53 -7.99 -2.53
C ARG A 56 18.11 -9.32 -2.07
N VAL A 57 18.35 -10.09 -3.10
CA VAL A 57 18.90 -11.42 -2.99
C VAL A 57 20.37 -11.42 -2.66
N ALA A 58 21.19 -10.48 -3.13
CA ALA A 58 22.59 -10.43 -2.70
C ALA A 58 22.72 -9.99 -1.23
N GLN A 59 21.88 -9.08 -0.71
CA GLN A 59 22.00 -8.68 0.68
C GLN A 59 21.34 -9.64 1.63
N LYS A 60 21.04 -10.86 1.20
CA LYS A 60 20.45 -11.88 2.06
C LYS A 60 21.39 -12.24 3.23
N ALA A 61 22.70 -12.21 2.99
CA ALA A 61 23.69 -12.49 4.03
C ALA A 61 23.61 -11.48 5.21
N VAL A 62 23.67 -10.22 4.80
CA VAL A 62 23.65 -9.07 5.67
C VAL A 62 22.33 -9.10 6.40
N ALA A 63 21.21 -9.16 5.71
CA ALA A 63 19.96 -9.26 6.40
C ALA A 63 19.93 -10.47 7.34
N LYS A 64 20.34 -11.68 7.00
CA LYS A 64 20.32 -12.79 7.94
C LYS A 64 21.18 -12.49 9.16
N LYS A 65 22.35 -11.85 9.00
CA LYS A 65 23.22 -11.49 10.13
C LYS A 65 22.44 -10.58 11.05
N ALA A 66 21.80 -9.57 10.46
CA ALA A 66 20.99 -8.60 11.18
C ALA A 66 19.69 -9.17 11.75
N GLY A 67 19.40 -10.46 11.62
CA GLY A 67 18.16 -11.04 12.11
C GLY A 67 16.87 -10.63 11.35
N VAL A 68 16.88 -9.87 10.24
CA VAL A 68 15.66 -9.46 9.56
C VAL A 68 15.57 -10.25 8.30
N LYS A 69 14.46 -10.14 7.59
CA LYS A 69 14.38 -10.77 6.29
C LYS A 69 14.03 -9.60 5.34
N LEU A 70 14.84 -9.31 4.31
CA LEU A 70 14.56 -8.19 3.42
C LEU A 70 13.63 -8.61 2.28
N THR A 71 12.37 -8.21 2.36
CA THR A 71 11.40 -8.46 1.29
C THR A 71 11.30 -7.19 0.43
N VAL A 72 10.27 -7.04 -0.40
CA VAL A 72 10.15 -5.84 -1.22
C VAL A 72 9.50 -4.69 -0.45
N LEU A 73 8.83 -4.97 0.69
CA LEU A 73 8.13 -3.94 1.44
C LEU A 73 9.03 -2.81 1.95
N PRO A 74 10.19 -3.01 2.59
CA PRO A 74 11.13 -1.92 2.86
C PRO A 74 11.57 -1.14 1.64
N LEU A 75 11.73 -1.80 0.51
CA LEU A 75 12.17 -1.06 -0.66
C LEU A 75 10.95 -0.21 -1.11
N LEU A 76 9.71 -0.72 -1.04
CA LEU A 76 8.55 0.03 -1.41
C LEU A 76 8.35 1.21 -0.52
N LEU A 77 8.51 1.02 0.77
CA LEU A 77 8.36 2.05 1.78
C LEU A 77 9.38 3.17 1.66
N LYS A 78 10.65 2.89 1.46
CA LYS A 78 11.67 3.92 1.29
C LYS A 78 11.40 4.81 0.08
N ALA A 79 11.07 4.21 -1.08
CA ALA A 79 10.78 4.92 -2.30
C ALA A 79 9.50 5.71 -2.14
N CYS A 80 8.42 5.19 -1.56
CA CYS A 80 7.23 6.01 -1.38
C CYS A 80 7.54 7.17 -0.42
N ALA A 81 8.38 6.99 0.62
CA ALA A 81 8.67 8.09 1.52
C ALA A 81 9.39 9.18 0.78
N TYR A 82 10.32 8.80 -0.10
CA TYR A 82 11.03 9.79 -0.84
C TYR A 82 10.09 10.56 -1.75
N LEU A 83 9.19 9.87 -2.42
CA LEU A 83 8.24 10.51 -3.29
C LEU A 83 7.16 11.29 -2.57
N LEU A 84 6.75 10.93 -1.35
CA LEU A 84 5.73 11.65 -0.62
C LEU A 84 6.31 12.99 -0.25
N LYS A 85 7.63 13.09 -0.20
CA LYS A 85 8.30 14.36 -0.02
C LYS A 85 8.53 15.12 -1.33
N GLU A 86 8.74 14.46 -2.46
CA GLU A 86 8.94 15.18 -3.71
C GLU A 86 7.63 15.86 -4.23
N LEU A 87 6.55 15.08 -4.17
CA LEU A 87 5.21 15.36 -4.60
C LEU A 87 4.29 15.52 -3.36
N PRO A 88 4.28 16.60 -2.56
CA PRO A 88 3.56 16.73 -1.30
C PRO A 88 2.06 16.62 -1.29
N ASP A 89 1.34 16.93 -2.37
CA ASP A 89 -0.11 16.74 -2.33
C ASP A 89 -0.51 15.29 -2.01
N PHE A 90 0.38 14.31 -2.19
CA PHE A 90 0.08 12.92 -1.86
C PHE A 90 0.23 12.70 -0.38
N ASN A 91 1.05 13.55 0.25
CA ASN A 91 1.22 13.48 1.66
C ASN A 91 0.31 14.51 2.28
N SER A 92 -0.98 14.67 1.99
CA SER A 92 -1.79 15.69 2.65
C SER A 92 -3.20 15.19 2.95
N SER A 93 -4.08 15.96 3.59
CA SER A 93 -5.46 15.54 3.73
C SER A 93 -6.34 16.74 3.51
N LEU A 94 -7.57 16.52 3.07
CA LEU A 94 -8.55 17.56 2.85
C LEU A 94 -9.10 17.97 4.20
N ALA A 95 -8.84 19.26 4.49
CA ALA A 95 -9.33 19.91 5.72
C ALA A 95 -10.84 19.76 5.74
N PRO A 96 -11.57 19.63 6.85
CA PRO A 96 -13.03 19.42 6.83
C PRO A 96 -13.83 20.63 6.30
N SER A 97 -13.27 21.87 6.31
CA SER A 97 -13.94 22.97 5.64
C SER A 97 -14.10 22.71 4.13
N GLY A 98 -13.54 21.63 3.53
CA GLY A 98 -13.59 21.37 2.11
C GLY A 98 -12.85 22.44 1.33
N GLN A 99 -12.26 23.45 1.95
CA GLN A 99 -11.61 24.51 1.21
C GLN A 99 -10.11 24.53 1.41
N ALA A 100 -9.51 23.53 2.05
CA ALA A 100 -8.09 23.57 2.26
C ALA A 100 -7.54 22.17 2.36
N LEU A 101 -6.25 22.01 2.10
CA LEU A 101 -5.57 20.77 2.31
C LEU A 101 -4.58 21.03 3.40
N ILE A 102 -4.49 20.08 4.28
CA ILE A 102 -3.56 20.09 5.35
C ILE A 102 -2.39 19.29 4.83
N ARG A 103 -1.28 19.92 4.49
CA ARG A 103 -0.06 19.26 4.12
C ARG A 103 0.69 18.84 5.35
N LYS A 104 1.00 17.58 5.43
CA LYS A 104 1.63 17.02 6.60
C LYS A 104 3.14 17.09 6.37
N LYS A 105 3.95 17.58 7.31
CA LYS A 105 5.37 17.69 7.09
C LYS A 105 6.11 16.45 7.59
N TYR A 106 5.38 15.42 8.01
CA TYR A 106 5.92 14.16 8.51
C TYR A 106 5.66 13.07 7.47
N VAL A 107 6.35 11.89 7.44
CA VAL A 107 6.03 10.77 6.53
C VAL A 107 5.85 9.48 7.36
N HIS A 108 4.66 9.12 7.83
CA HIS A 108 4.48 7.85 8.51
C HIS A 108 3.61 7.13 7.50
N ILE A 109 3.80 5.82 7.31
CA ILE A 109 3.12 5.08 6.26
C ILE A 109 2.57 3.84 6.91
N GLY A 110 1.34 3.46 6.57
CA GLY A 110 0.76 2.26 7.17
C GLY A 110 0.82 1.10 6.19
N PHE A 111 0.65 -0.14 6.59
CA PHE A 111 0.64 -1.19 5.60
C PHE A 111 -0.34 -2.24 6.01
N ALA A 112 -1.00 -2.86 5.05
CA ALA A 112 -2.10 -3.74 5.41
C ALA A 112 -1.69 -5.12 5.82
N VAL A 113 -2.14 -5.59 6.96
CA VAL A 113 -1.80 -6.94 7.41
C VAL A 113 -3.16 -7.59 7.49
N ASP A 114 -3.42 -8.74 6.85
CA ASP A 114 -4.73 -9.40 6.94
C ASP A 114 -4.50 -10.50 7.97
N THR A 115 -5.20 -10.33 9.11
CA THR A 115 -5.19 -11.25 10.25
C THR A 115 -6.56 -11.94 10.35
N PRO A 116 -6.72 -13.03 11.12
CA PRO A 116 -7.93 -13.87 11.10
C PRO A 116 -9.17 -13.18 11.64
N ASP A 117 -8.87 -12.24 12.52
CA ASP A 117 -9.88 -11.42 13.12
C ASP A 117 -10.30 -10.30 12.21
N GLY A 118 -9.52 -9.97 11.17
CA GLY A 118 -9.84 -8.91 10.23
C GLY A 118 -8.57 -8.22 9.76
N LEU A 119 -8.78 -7.10 9.08
CA LEU A 119 -7.71 -6.29 8.50
C LEU A 119 -7.12 -5.31 9.52
N LEU A 120 -5.81 -5.14 9.68
CA LEU A 120 -5.29 -4.21 10.63
C LEU A 120 -4.31 -3.36 9.85
N VAL A 121 -4.04 -2.05 10.08
CA VAL A 121 -3.04 -1.44 9.19
C VAL A 121 -2.06 -0.67 10.05
N PRO A 122 -1.13 -1.35 10.69
CA PRO A 122 -0.07 -0.78 11.53
C PRO A 122 0.69 0.28 10.76
N VAL A 123 1.10 1.30 11.46
CA VAL A 123 1.79 2.45 10.88
C VAL A 123 3.27 2.49 11.25
N ILE A 124 4.23 2.71 10.35
CA ILE A 124 5.64 2.87 10.68
C ILE A 124 5.82 4.38 10.60
N ARG A 125 6.39 4.95 11.66
CA ARG A 125 6.54 6.40 11.73
C ARG A 125 7.88 6.82 11.19
N ASN A 126 7.89 7.95 10.51
CA ASN A 126 9.10 8.58 10.01
C ASN A 126 9.91 7.67 9.12
N VAL A 127 9.20 7.16 8.09
CA VAL A 127 9.77 6.16 7.19
C VAL A 127 10.97 6.77 6.50
N ASP A 128 10.86 8.09 6.30
CA ASP A 128 11.87 8.87 5.65
C ASP A 128 13.19 8.83 6.40
N GLN A 129 13.18 8.52 7.68
CA GLN A 129 14.40 8.51 8.46
C GLN A 129 14.97 7.16 8.75
N LYS A 130 14.45 6.04 8.27
CA LYS A 130 14.94 4.77 8.74
C LYS A 130 15.53 4.07 7.55
N SER A 131 16.35 3.07 7.76
CA SER A 131 17.02 2.40 6.67
C SER A 131 16.33 1.11 6.28
N LEU A 132 16.79 0.45 5.21
CA LEU A 132 16.08 -0.71 4.71
C LEU A 132 16.01 -1.78 5.78
N LEU A 133 17.09 -2.02 6.50
CA LEU A 133 17.03 -3.05 7.52
C LEU A 133 16.23 -2.59 8.74
N GLN A 134 16.24 -1.27 9.04
CA GLN A 134 15.40 -0.78 10.11
C GLN A 134 13.95 -1.02 9.80
N LEU A 135 13.53 -0.60 8.62
CA LEU A 135 12.17 -0.78 8.21
C LEU A 135 11.89 -2.27 8.10
N ALA A 136 12.81 -3.13 7.69
CA ALA A 136 12.50 -4.56 7.57
C ALA A 136 12.22 -5.21 8.89
N ALA A 137 12.98 -4.77 9.88
CA ALA A 137 12.83 -5.25 11.24
C ALA A 137 11.48 -4.87 11.86
N GLU A 138 11.19 -3.57 11.73
CA GLU A 138 9.98 -2.97 12.26
C GLU A 138 8.68 -3.47 11.65
N ALA A 139 8.71 -3.64 10.32
CA ALA A 139 7.59 -4.10 9.53
C ALA A 139 7.15 -5.44 10.11
N ALA A 140 8.16 -6.29 10.27
CA ALA A 140 8.00 -7.61 10.84
C ALA A 140 7.50 -7.61 12.28
N GLU A 141 7.95 -6.72 13.15
CA GLU A 141 7.53 -6.69 14.54
C GLU A 141 6.05 -6.39 14.55
N LEU A 142 5.71 -5.27 13.90
CA LEU A 142 4.35 -4.80 13.84
C LEU A 142 3.43 -5.86 13.28
N ALA A 143 3.80 -6.53 12.22
CA ALA A 143 3.00 -7.61 11.66
C ALA A 143 2.77 -8.76 12.61
N GLU A 144 3.78 -9.23 13.36
CA GLU A 144 3.56 -10.31 14.30
C GLU A 144 2.65 -9.77 15.39
N LYS A 145 2.87 -8.59 15.97
CA LYS A 145 1.97 -8.11 16.98
C LYS A 145 0.56 -8.01 16.48
N ALA A 146 0.41 -7.67 15.20
CA ALA A 146 -0.88 -7.53 14.59
C ALA A 146 -1.53 -8.90 14.58
N ARG A 147 -0.84 -9.96 14.17
CA ARG A 147 -1.45 -11.27 14.12
C ARG A 147 -1.80 -11.85 15.46
N SER A 148 -1.09 -11.33 16.45
CA SER A 148 -1.23 -11.79 17.80
C SER A 148 -2.14 -10.94 18.65
N LYS A 149 -2.91 -10.03 18.05
CA LYS A 149 -3.84 -9.15 18.74
C LYS A 149 -3.19 -8.38 19.90
N LYS A 150 -1.88 -8.24 19.75
CA LYS A 150 -1.04 -7.56 20.71
C LYS A 150 -0.61 -6.22 20.15
N LEU A 151 -1.28 -5.74 19.10
CA LEU A 151 -0.96 -4.45 18.52
C LEU A 151 -1.88 -3.48 19.24
N GLY A 152 -1.38 -2.32 19.71
CA GLY A 152 -2.25 -1.39 20.43
C GLY A 152 -2.59 -0.15 19.64
N ALA A 153 -3.86 0.36 19.68
CA ALA A 153 -4.35 1.53 18.93
C ALA A 153 -3.44 2.72 18.66
N ASP A 154 -2.50 2.93 19.57
CA ASP A 154 -1.41 3.88 19.39
C ASP A 154 -0.82 3.73 17.99
N ALA A 155 -0.43 2.48 17.67
CA ALA A 155 0.22 2.08 16.43
C ALA A 155 -0.63 2.00 15.17
N MET A 156 -1.89 2.38 15.27
CA MET A 156 -2.76 2.36 14.12
C MET A 156 -3.13 3.80 13.89
N GLN A 157 -2.25 4.77 14.08
CA GLN A 157 -2.68 6.14 13.94
C GLN A 157 -1.80 7.08 13.17
N GLY A 158 -2.47 8.07 12.63
CA GLY A 158 -1.83 9.18 11.93
C GLY A 158 -0.83 8.85 10.86
N ALA A 159 -1.22 7.96 9.95
CA ALA A 159 -0.43 7.54 8.82
C ALA A 159 -0.70 8.54 7.76
N CYS A 160 0.12 8.62 6.73
CA CYS A 160 -0.10 9.52 5.63
C CYS A 160 -0.53 8.86 4.34
N PHE A 161 -0.21 7.59 4.20
CA PHE A 161 -0.37 6.84 2.98
C PHE A 161 -0.38 5.36 3.35
N THR A 162 -0.84 4.45 2.50
CA THR A 162 -0.91 3.04 2.84
C THR A 162 -0.30 2.24 1.70
N ILE A 163 0.40 1.12 1.95
CA ILE A 163 0.82 0.22 0.90
C ILE A 163 0.05 -1.09 1.15
N SER A 164 -0.60 -1.70 0.18
CA SER A 164 -1.33 -2.92 0.41
C SER A 164 -0.73 -3.92 -0.53
N SER A 165 0.02 -4.91 -0.07
CA SER A 165 0.74 -5.78 -0.96
C SER A 165 0.12 -7.19 -1.00
N LEU A 166 -0.43 -7.64 -2.14
CA LEU A 166 -0.96 -8.96 -2.28
C LEU A 166 -0.05 -9.81 -3.13
N GLY A 167 1.10 -9.25 -3.46
CA GLY A 167 2.09 -9.87 -4.30
C GLY A 167 2.42 -11.31 -3.91
N HIS A 168 2.47 -11.57 -2.62
CA HIS A 168 2.77 -12.90 -2.11
C HIS A 168 1.65 -13.91 -2.35
N ILE A 169 0.47 -13.50 -2.84
CA ILE A 169 -0.62 -14.43 -3.05
C ILE A 169 -0.81 -14.44 -4.54
N GLY A 170 -0.85 -13.33 -5.27
CA GLY A 170 -0.93 -13.47 -6.71
C GLY A 170 -1.78 -12.40 -7.31
N GLY A 171 -2.23 -12.53 -8.53
CA GLY A 171 -3.03 -11.49 -9.09
C GLY A 171 -2.15 -10.58 -9.91
N THR A 172 -2.83 -9.96 -10.83
CA THR A 172 -2.30 -9.07 -11.85
C THR A 172 -2.43 -7.58 -11.52
N ALA A 173 -3.41 -7.12 -10.73
CA ALA A 173 -3.64 -5.73 -10.43
C ALA A 173 -4.95 -5.75 -9.61
N PHE A 174 -5.29 -4.69 -8.90
CA PHE A 174 -6.54 -4.57 -8.23
C PHE A 174 -6.77 -3.10 -8.05
N THR A 175 -7.93 -2.74 -7.57
CA THR A 175 -8.28 -1.37 -7.37
C THR A 175 -8.46 -1.20 -5.87
N PRO A 176 -7.47 -0.89 -5.05
CA PRO A 176 -7.67 -0.76 -3.61
C PRO A 176 -8.52 0.43 -3.25
N ILE A 177 -8.98 0.52 -2.02
CA ILE A 177 -9.79 1.64 -1.52
C ILE A 177 -8.96 2.54 -0.60
N VAL A 178 -8.95 3.82 -0.96
CA VAL A 178 -8.40 4.89 -0.16
C VAL A 178 -9.02 4.79 1.23
N ASN A 179 -8.07 4.84 2.09
CA ASN A 179 -8.23 4.74 3.50
C ASN A 179 -8.38 6.17 4.03
N ALA A 180 -9.53 6.79 3.74
CA ALA A 180 -9.77 8.18 4.08
C ALA A 180 -9.57 8.41 5.56
N PRO A 181 -8.96 9.45 6.09
CA PRO A 181 -8.72 10.74 5.44
C PRO A 181 -7.43 10.84 4.66
N GLU A 182 -6.76 9.73 4.40
CA GLU A 182 -5.56 9.78 3.58
C GLU A 182 -6.08 10.03 2.17
N VAL A 183 -5.23 10.45 1.26
CA VAL A 183 -5.63 10.70 -0.10
C VAL A 183 -5.17 9.69 -1.19
N ALA A 184 -4.37 8.64 -0.93
CA ALA A 184 -3.95 7.67 -1.93
C ALA A 184 -3.53 6.38 -1.25
N ILE A 185 -3.55 5.18 -1.88
CA ILE A 185 -3.08 3.89 -1.31
C ILE A 185 -2.40 3.16 -2.45
N LEU A 186 -1.28 2.49 -2.29
CA LEU A 186 -0.57 1.85 -3.41
C LEU A 186 -0.86 0.37 -3.28
N GLY A 187 -1.41 -0.30 -4.28
CA GLY A 187 -1.62 -1.72 -4.25
C GLY A 187 -0.47 -2.38 -4.99
N VAL A 188 0.13 -3.49 -4.53
CA VAL A 188 1.25 -4.13 -5.22
C VAL A 188 0.84 -5.58 -5.41
N SER A 189 0.90 -6.06 -6.64
CA SER A 189 0.54 -7.43 -6.91
C SER A 189 1.74 -8.23 -7.36
N LYS A 190 1.58 -9.38 -7.97
CA LYS A 190 2.66 -10.32 -8.21
C LYS A 190 3.59 -10.04 -9.36
N ALA A 191 4.92 -10.11 -9.14
CA ALA A 191 5.86 -9.87 -10.21
C ALA A 191 5.91 -11.04 -11.16
N SER A 192 6.09 -10.77 -12.46
CA SER A 192 6.16 -11.72 -13.56
C SER A 192 7.33 -11.37 -14.47
N MET A 193 7.87 -12.33 -15.20
CA MET A 193 8.93 -12.09 -16.17
C MET A 193 8.23 -11.61 -17.42
N GLN A 194 8.68 -10.57 -18.08
CA GLN A 194 7.92 -10.03 -19.17
C GLN A 194 8.82 -9.54 -20.21
N PRO A 195 8.39 -9.61 -21.45
CA PRO A 195 9.16 -9.15 -22.58
C PRO A 195 8.98 -7.68 -22.64
N VAL A 196 10.10 -7.03 -22.75
CA VAL A 196 10.10 -5.60 -22.78
C VAL A 196 10.96 -5.15 -23.91
N TRP A 197 10.44 -4.21 -24.67
CA TRP A 197 11.10 -3.85 -25.89
C TRP A 197 12.29 -3.01 -25.60
N ASP A 198 13.47 -3.39 -26.08
CA ASP A 198 14.68 -2.60 -25.87
C ASP A 198 15.03 -1.82 -27.13
N GLY A 199 14.10 -1.28 -27.91
CA GLY A 199 14.45 -0.56 -29.11
C GLY A 199 14.73 -1.50 -30.26
N LYS A 200 15.11 -2.77 -30.05
CA LYS A 200 15.48 -3.69 -31.12
C LYS A 200 14.87 -5.06 -30.99
N ALA A 201 14.64 -5.56 -29.78
CA ALA A 201 14.16 -6.91 -29.48
C ALA A 201 13.55 -6.89 -28.09
N PHE A 202 12.96 -7.97 -27.71
CA PHE A 202 12.29 -7.96 -26.45
C PHE A 202 13.20 -8.64 -25.47
N GLN A 203 13.47 -8.04 -24.34
CA GLN A 203 14.28 -8.61 -23.29
C GLN A 203 13.35 -9.10 -22.17
N PRO A 204 13.61 -10.15 -21.40
CA PRO A 204 12.80 -10.50 -20.27
C PRO A 204 13.26 -9.63 -19.12
N ARG A 205 12.32 -9.01 -18.45
CA ARG A 205 12.58 -8.11 -17.37
C ARG A 205 11.54 -8.53 -16.33
N LEU A 206 11.90 -8.52 -15.04
CA LEU A 206 10.98 -8.82 -13.98
C LEU A 206 10.13 -7.59 -13.71
N MET A 207 8.82 -7.67 -13.84
CA MET A 207 7.93 -6.52 -13.76
C MET A 207 7.04 -6.56 -12.55
N LEU A 208 6.95 -5.53 -11.71
CA LEU A 208 6.10 -5.46 -10.53
C LEU A 208 4.86 -4.64 -10.84
N PRO A 209 3.64 -5.14 -10.67
CA PRO A 209 2.42 -4.42 -11.00
C PRO A 209 2.06 -3.42 -9.91
N LEU A 210 1.73 -2.18 -10.18
CA LEU A 210 1.43 -1.16 -9.18
C LEU A 210 0.05 -0.63 -9.47
N SER A 211 -0.80 -0.40 -8.48
CA SER A 211 -2.17 0.01 -8.77
C SER A 211 -2.39 1.08 -7.74
N LEU A 212 -2.36 2.36 -8.09
CA LEU A 212 -2.42 3.45 -7.14
C LEU A 212 -3.81 3.98 -7.17
N SER A 213 -4.61 3.86 -6.11
CA SER A 213 -5.92 4.51 -6.08
C SER A 213 -5.80 5.86 -5.38
N TYR A 214 -6.54 6.88 -5.82
CA TYR A 214 -6.44 8.18 -5.19
C TYR A 214 -7.76 8.90 -5.10
N ASP A 215 -7.81 9.88 -4.22
CA ASP A 215 -8.95 10.74 -4.02
C ASP A 215 -8.87 11.83 -5.07
N HIS A 216 -9.71 11.64 -6.07
CA HIS A 216 -9.66 12.54 -7.20
C HIS A 216 -10.04 13.96 -6.85
N ARG A 217 -10.72 14.29 -5.75
CA ARG A 217 -10.98 15.67 -5.37
C ARG A 217 -9.71 16.45 -5.04
N VAL A 218 -8.69 15.77 -4.55
CA VAL A 218 -7.42 16.36 -4.15
C VAL A 218 -6.38 16.05 -5.22
N ILE A 219 -6.25 14.83 -5.80
CA ILE A 219 -5.24 14.56 -6.84
C ILE A 219 -5.80 14.43 -8.24
N ASN A 220 -5.31 15.18 -9.19
CA ASN A 220 -5.82 15.08 -10.55
C ASN A 220 -5.15 13.98 -11.32
N GLY A 221 -5.73 13.64 -12.46
CA GLY A 221 -5.24 12.56 -13.28
C GLY A 221 -3.75 12.63 -13.59
N ALA A 222 -3.20 13.74 -14.06
CA ALA A 222 -1.78 13.83 -14.33
C ALA A 222 -0.85 13.77 -13.12
N ALA A 223 -1.22 14.30 -11.94
CA ALA A 223 -0.38 14.25 -10.77
C ALA A 223 -0.13 12.79 -10.41
N ALA A 224 -1.21 12.01 -10.56
CA ALA A 224 -1.12 10.59 -10.26
C ALA A 224 -0.36 9.78 -11.28
N ALA A 225 -0.44 10.08 -12.61
CA ALA A 225 0.32 9.33 -13.60
C ALA A 225 1.82 9.58 -13.40
N ARG A 226 2.12 10.79 -12.95
CA ARG A 226 3.45 11.24 -12.59
C ARG A 226 3.91 10.56 -11.31
N PHE A 227 3.10 10.34 -10.28
CA PHE A 227 3.58 9.63 -9.12
C PHE A 227 3.93 8.22 -9.53
N THR A 228 3.09 7.43 -10.22
CA THR A 228 3.44 6.07 -10.53
C THR A 228 4.61 6.01 -11.49
N LYS A 229 4.75 6.99 -12.39
CA LYS A 229 5.93 7.07 -13.25
C LYS A 229 7.23 7.21 -12.45
N ARG A 230 7.32 8.20 -11.53
CA ARG A 230 8.48 8.40 -10.69
C ARG A 230 8.73 7.17 -9.88
N LEU A 231 7.73 6.54 -9.30
CA LEU A 231 7.96 5.39 -8.50
C LEU A 231 8.51 4.27 -9.39
N GLY A 232 8.03 3.99 -10.58
CA GLY A 232 8.60 2.93 -11.39
C GLY A 232 10.03 3.29 -11.73
N ASP A 233 10.37 4.57 -11.87
CA ASP A 233 11.74 5.01 -12.12
C ASP A 233 12.60 4.80 -10.90
N LEU A 234 12.10 5.08 -9.70
CA LEU A 234 12.89 4.88 -8.53
C LEU A 234 13.15 3.40 -8.34
N LEU A 235 12.15 2.54 -8.44
CA LEU A 235 12.36 1.13 -8.27
C LEU A 235 13.24 0.48 -9.34
N ALA A 236 13.30 1.07 -10.51
CA ALA A 236 14.21 0.57 -11.51
C ALA A 236 15.65 0.90 -11.10
N ASP A 237 15.99 2.08 -10.51
CA ASP A 237 17.33 2.39 -10.01
C ASP A 237 17.28 3.17 -8.70
N ILE A 238 17.11 2.43 -7.60
CA ILE A 238 16.94 2.95 -6.25
C ILE A 238 18.07 3.82 -5.77
N ARG A 239 19.19 3.81 -6.47
CA ARG A 239 20.30 4.72 -6.20
C ARG A 239 19.90 6.17 -6.42
N ALA A 240 18.81 6.48 -7.12
CA ALA A 240 18.43 7.87 -7.33
C ALA A 240 17.96 8.55 -6.04
N ILE A 241 17.65 7.75 -5.03
CA ILE A 241 17.32 8.25 -3.73
C ILE A 241 18.53 8.89 -3.04
N LEU A 242 19.75 8.62 -3.52
CA LEU A 242 20.99 9.13 -2.96
C LEU A 242 21.29 10.53 -3.42
N LEU A 243 20.57 10.87 -4.47
CA LEU A 243 20.83 12.07 -5.22
C LEU A 243 20.36 13.29 -4.43
C1 LPM B . -14.91 19.36 -13.71
O LPM B . -15.19 20.19 -12.83
N LPM B . -14.66 19.81 -14.93
C2 LPM B . -14.93 17.87 -13.36
C3 LPM B . -14.61 16.93 -14.52
C4 LPM B . -14.94 15.46 -14.17
C5 LPM B . -14.93 14.39 -15.26
C6 LPM B . -13.67 13.68 -15.75
S6 LPM B . -12.45 14.78 -16.54
C7 LPM B . -12.93 12.90 -14.65
C8 LPM B . -11.69 12.22 -15.26
S8 LPM B . -10.89 11.04 -14.12
#